data_6Q4E
#
_entry.id   6Q4E
#
_cell.length_a   53.188
_cell.length_b   72.431
_cell.length_c   71.940
_cell.angle_alpha   90.00
_cell.angle_beta   90.00
_cell.angle_gamma   90.00
#
_symmetry.space_group_name_H-M   'P 21 21 21'
#
loop_
_entity.id
_entity.type
_entity.pdbx_description
1 polymer 'Cyclin-dependent kinase 2'
2 non-polymer 'DIMETHYL SULFOXIDE'
3 non-polymer 6-iodanyl-7~{H}-purin-2-amine
4 water water
#
_entity_poly.entity_id   1
_entity_poly.type   'polypeptide(L)'
_entity_poly.pdbx_seq_one_letter_code
;GPLGSPEFMENFQKVEKIGEGTYGVVYKARNKLTGEVVALKKIRLDTETEGVPSTAIREISLLKELNHPNIVKLLDVIHT
ENKLYLVFEFLHQDLKKFMDASALTGIPLPLIKSYLFQLLQGLAFCHSHRVLHRDLKPQNLLINTEGAIKLADFGLARAF
GVPVRTYTHEVVTLWYRAPEILLGCKYYSTAVDIWSLGCIFAEMVTRRALFPGDSEIDQLFRIFRTLGTPDEVVWPGVTS
MPDYKPSFPKWARQDFSKVVPPLDEDGRSLLSQMLHYDPNKRISAKAALAHPFFQDVTKPVPHLRL
;
_entity_poly.pdbx_strand_id   A
#
loop_
_chem_comp.id
_chem_comp.type
_chem_comp.name
_chem_comp.formula
DMS non-polymer 'DIMETHYL SULFOXIDE' 'C2 H6 O S'
HH5 non-polymer 6-iodanyl-7~{H}-purin-2-amine 'C5 H4 I N5'
#
# COMPACT_ATOMS: atom_id res chain seq x y z
N PHE A 8 -21.25 15.37 17.91
CA PHE A 8 -21.16 16.84 17.57
C PHE A 8 -19.71 17.27 17.28
N MET A 9 -19.53 18.18 16.33
CA MET A 9 -18.23 18.87 16.05
C MET A 9 -18.50 20.35 15.68
N GLU A 10 -17.63 21.26 16.14
CA GLU A 10 -17.79 22.72 15.91
C GLU A 10 -17.63 23.10 14.43
N ASN A 11 -17.11 22.20 13.59
CA ASN A 11 -16.91 22.58 12.15
C ASN A 11 -17.50 21.59 11.12
N PHE A 12 -18.05 20.50 11.58
CA PHE A 12 -18.53 19.41 10.71
C PHE A 12 -19.90 18.98 11.20
N GLN A 13 -20.72 18.51 10.30
CA GLN A 13 -21.98 17.84 10.67
C GLN A 13 -22.11 16.51 9.97
N LYS A 14 -23.11 15.79 10.50
CA LYS A 14 -23.45 14.43 10.05
C LYS A 14 -22.14 13.61 10.05
N VAL A 15 -21.38 13.69 11.17
CA VAL A 15 -20.14 12.88 11.38
C VAL A 15 -20.56 11.43 11.63
N GLU A 16 -19.99 10.49 10.85
CA GLU A 16 -20.31 9.05 10.99
C GLU A 16 -19.01 8.24 10.88
N LYS A 17 -18.92 7.13 11.63
CA LYS A 17 -17.70 6.28 11.61
C LYS A 17 -17.67 5.42 10.34
N ILE A 18 -16.54 5.41 9.63
CA ILE A 18 -16.18 4.61 8.42
C ILE A 18 -15.43 3.34 8.86
N GLY A 19 -14.56 3.49 9.85
CA GLY A 19 -13.67 2.39 10.30
C GLY A 19 -12.63 2.84 11.31
N GLU A 20 -11.84 1.88 11.76
CA GLU A 20 -10.60 2.12 12.53
C GLU A 20 -9.48 2.16 11.49
N GLY A 21 -8.71 3.24 11.50
CA GLY A 21 -7.50 3.36 10.68
C GLY A 21 -6.26 3.12 11.51
N THR A 22 -5.09 3.12 10.87
CA THR A 22 -3.73 3.03 11.48
C THR A 22 -3.61 3.97 12.68
N TYR A 23 -4.23 5.16 12.65
CA TYR A 23 -3.92 6.24 13.64
C TYR A 23 -5.10 6.64 14.53
N GLY A 24 -6.28 6.10 14.28
CA GLY A 24 -7.47 6.48 15.03
C GLY A 24 -8.70 6.27 14.21
N VAL A 25 -9.82 6.72 14.75
CA VAL A 25 -11.11 6.52 14.07
C VAL A 25 -11.11 7.30 12.75
N VAL A 26 -11.71 6.74 11.70
CA VAL A 26 -11.97 7.46 10.41
C VAL A 26 -13.49 7.70 10.28
N TYR A 27 -13.86 8.93 10.02
CA TYR A 27 -15.28 9.34 9.91
C TYR A 27 -15.54 9.85 8.49
N LYS A 28 -16.75 9.58 8.02
CA LYS A 28 -17.33 10.36 6.92
C LYS A 28 -18.01 11.57 7.56
N ALA A 29 -17.71 12.76 7.04
CA ALA A 29 -18.20 13.99 7.68
C ALA A 29 -18.54 15.00 6.62
N ARG A 30 -19.43 15.91 6.97
CA ARG A 30 -19.81 17.03 6.12
C ARG A 30 -19.27 18.32 6.69
N ASN A 31 -18.54 19.08 5.88
CA ASN A 31 -18.02 20.40 6.30
C ASN A 31 -19.23 21.32 6.52
N LYS A 32 -19.30 21.97 7.68
CA LYS A 32 -20.47 22.81 8.04
C LYS A 32 -20.55 24.03 7.11
N LEU A 33 -19.43 24.64 6.76
CA LEU A 33 -19.41 25.85 5.90
C LEU A 33 -19.79 25.54 4.44
N THR A 34 -19.25 24.46 3.89
CA THR A 34 -19.29 24.20 2.43
C THR A 34 -20.27 23.09 2.03
N GLY A 35 -20.64 22.21 2.96
CA GLY A 35 -21.51 21.06 2.63
C GLY A 35 -20.77 19.88 2.04
N GLU A 36 -19.46 19.96 1.96
N GLU A 36 -19.46 19.97 1.83
CA GLU A 36 -18.71 18.91 1.24
CA GLU A 36 -18.78 18.83 1.16
C GLU A 36 -18.52 17.70 2.18
C GLU A 36 -18.63 17.69 2.16
N VAL A 37 -18.61 16.52 1.59
CA VAL A 37 -18.35 15.26 2.30
C VAL A 37 -16.86 14.94 2.21
N VAL A 38 -16.25 14.68 3.36
CA VAL A 38 -14.79 14.40 3.48
C VAL A 38 -14.60 13.19 4.36
N ALA A 39 -13.38 12.65 4.33
CA ALA A 39 -12.93 11.65 5.29
C ALA A 39 -12.14 12.37 6.37
N LEU A 40 -12.58 12.22 7.60
N LEU A 40 -12.61 12.25 7.60
CA LEU A 40 -11.95 12.94 8.70
CA LEU A 40 -12.04 12.92 8.78
C LEU A 40 -11.31 11.88 9.59
C LEU A 40 -11.31 11.85 9.59
N LYS A 41 -10.00 12.02 9.82
CA LYS A 41 -9.21 11.02 10.55
C LYS A 41 -8.78 11.66 11.85
N LYS A 42 -9.22 11.08 12.97
CA LYS A 42 -8.80 11.56 14.30
C LYS A 42 -7.48 10.85 14.61
N ILE A 43 -6.44 11.57 14.97
CA ILE A 43 -5.13 10.95 15.27
C ILE A 43 -5.11 10.69 16.77
N ARG A 44 -5.03 9.42 17.15
CA ARG A 44 -5.07 9.07 18.59
C ARG A 44 -3.67 9.31 19.16
N LEU A 45 -3.64 10.02 20.28
CA LEU A 45 -2.40 10.43 20.98
C LEU A 45 -2.17 9.49 22.17
N PRO A 53 2.24 16.42 19.24
CA PRO A 53 3.66 16.60 18.93
C PRO A 53 3.85 17.53 17.71
N SER A 54 4.68 18.56 17.91
CA SER A 54 4.90 19.74 17.03
C SER A 54 5.61 19.36 15.71
N THR A 55 6.55 18.43 15.79
CA THR A 55 7.34 17.96 14.62
C THR A 55 6.42 17.37 13.55
N ALA A 56 5.49 16.53 13.99
CA ALA A 56 4.49 15.85 13.14
C ALA A 56 3.61 16.89 12.44
N ILE A 57 3.17 17.91 13.16
CA ILE A 57 2.26 18.90 12.55
C ILE A 57 2.89 19.57 11.32
N ARG A 58 4.13 20.07 11.40
CA ARG A 58 4.72 20.79 10.22
C ARG A 58 4.94 19.79 9.07
N GLU A 59 5.40 18.60 9.39
N GLU A 59 5.42 18.62 9.42
CA GLU A 59 5.75 17.62 8.35
CA GLU A 59 5.77 17.56 8.45
C GLU A 59 4.49 17.12 7.65
C GLU A 59 4.53 17.10 7.70
N ILE A 60 3.42 16.84 8.42
CA ILE A 60 2.18 16.42 7.74
C ILE A 60 1.60 17.60 6.99
N SER A 61 1.74 18.80 7.52
CA SER A 61 1.17 19.96 6.82
C SER A 61 1.83 20.15 5.45
N LEU A 62 3.10 19.73 5.28
CA LEU A 62 3.77 19.79 3.93
C LEU A 62 3.02 18.90 2.93
N LEU A 63 2.37 17.86 3.42
CA LEU A 63 1.73 16.87 2.53
C LEU A 63 0.48 17.51 1.94
N LYS A 64 -0.02 18.62 2.50
CA LYS A 64 -1.17 19.34 1.89
C LYS A 64 -0.83 19.86 0.49
N GLU A 65 0.45 20.01 0.19
CA GLU A 65 0.88 20.53 -1.13
C GLU A 65 0.99 19.41 -2.16
N LEU A 66 0.97 18.13 -1.76
N LEU A 66 0.98 18.14 -1.70
CA LEU A 66 1.46 16.98 -2.59
CA LEU A 66 1.25 16.95 -2.55
C LEU A 66 0.30 16.36 -3.37
C LEU A 66 -0.02 16.54 -3.26
N ASN A 67 -0.13 16.97 -4.53
CA ASN A 67 -1.36 16.69 -5.31
C ASN A 67 -1.05 15.91 -6.61
N HIS A 68 -1.82 14.85 -6.84
CA HIS A 68 -1.67 13.95 -8.01
C HIS A 68 -2.99 13.22 -8.18
N PRO A 69 -3.37 12.83 -9.42
CA PRO A 69 -4.62 12.12 -9.65
C PRO A 69 -4.74 10.79 -8.92
N ASN A 70 -3.60 10.19 -8.56
CA ASN A 70 -3.64 8.86 -7.93
C ASN A 70 -3.21 8.94 -6.46
N ILE A 71 -3.29 10.13 -5.84
CA ILE A 71 -3.09 10.32 -4.38
C ILE A 71 -4.36 10.96 -3.81
N VAL A 72 -4.82 10.40 -2.72
CA VAL A 72 -5.99 10.99 -2.04
C VAL A 72 -5.61 12.32 -1.44
N LYS A 73 -6.27 13.39 -1.88
CA LYS A 73 -5.88 14.77 -1.48
C LYS A 73 -6.05 15.07 0.02
N LEU A 74 -4.94 15.41 0.69
CA LEU A 74 -4.97 15.89 2.09
C LEU A 74 -5.42 17.36 2.06
N LEU A 75 -6.68 17.54 2.36
CA LEU A 75 -7.30 18.88 2.25
C LEU A 75 -6.88 19.80 3.38
N ASP A 76 -6.75 19.25 4.58
CA ASP A 76 -6.50 20.10 5.75
C ASP A 76 -5.88 19.29 6.87
N VAL A 77 -5.16 20.00 7.71
CA VAL A 77 -4.65 19.53 8.99
C VAL A 77 -5.27 20.47 10.03
N ILE A 78 -6.05 19.89 10.93
CA ILE A 78 -6.80 20.69 11.92
C ILE A 78 -6.25 20.28 13.27
N HIS A 79 -5.71 21.25 13.96
CA HIS A 79 -5.17 21.10 15.31
C HIS A 79 -5.96 22.06 16.19
N THR A 80 -6.96 21.55 16.89
CA THR A 80 -7.78 22.38 17.77
C THR A 80 -8.12 21.58 19.02
N GLU A 81 -8.28 22.31 20.13
CA GLU A 81 -8.63 21.68 21.44
C GLU A 81 -7.60 20.60 21.77
N ASN A 82 -6.35 20.81 21.38
CA ASN A 82 -5.25 19.83 21.65
C ASN A 82 -5.54 18.46 21.04
N LYS A 83 -6.30 18.42 19.95
CA LYS A 83 -6.62 17.21 19.17
C LYS A 83 -6.18 17.50 17.75
N LEU A 84 -5.83 16.41 17.05
CA LEU A 84 -5.36 16.46 15.67
C LEU A 84 -6.23 15.64 14.74
N TYR A 85 -6.64 16.30 13.69
CA TYR A 85 -7.46 15.67 12.68
C TYR A 85 -6.83 15.93 11.34
N LEU A 86 -6.96 14.93 10.49
CA LEU A 86 -6.59 15.04 9.07
C LEU A 86 -7.88 14.97 8.24
N VAL A 87 -7.98 15.88 7.30
CA VAL A 87 -9.17 15.97 6.43
C VAL A 87 -8.74 15.54 5.03
N PHE A 88 -9.36 14.51 4.49
CA PHE A 88 -9.04 13.99 3.17
C PHE A 88 -10.24 14.02 2.25
N GLU A 89 -9.97 13.94 0.95
CA GLU A 89 -11.04 13.81 -0.08
C GLU A 89 -11.64 12.41 0.09
N PHE A 90 -12.97 12.32 0.19
CA PHE A 90 -13.72 11.09 0.44
C PHE A 90 -13.90 10.32 -0.86
N LEU A 91 -13.61 9.03 -0.81
CA LEU A 91 -13.94 8.10 -1.93
C LEU A 91 -14.84 7.04 -1.38
N HIS A 92 -15.62 6.41 -2.29
CA HIS A 92 -16.76 5.59 -1.84
C HIS A 92 -16.43 4.16 -1.55
N GLN A 93 -15.26 3.64 -1.93
CA GLN A 93 -14.95 2.24 -1.64
C GLN A 93 -13.42 2.07 -1.59
N ASP A 94 -13.00 1.14 -0.77
CA ASP A 94 -11.59 0.74 -0.77
C ASP A 94 -11.39 -0.55 -1.58
N LEU A 95 -10.15 -0.87 -1.84
CA LEU A 95 -9.83 -2.02 -2.71
C LEU A 95 -10.14 -3.30 -1.96
N LYS A 96 -10.01 -3.34 -0.63
CA LYS A 96 -10.34 -4.54 0.17
C LYS A 96 -11.80 -4.90 -0.13
N LYS A 97 -12.72 -3.96 0.05
CA LYS A 97 -14.14 -4.23 -0.19
C LYS A 97 -14.35 -4.60 -1.64
N PHE A 98 -13.72 -3.86 -2.57
CA PHE A 98 -13.92 -4.19 -3.99
C PHE A 98 -13.45 -5.62 -4.33
N MET A 99 -12.33 -6.08 -3.81
N MET A 99 -12.28 -5.99 -3.81
CA MET A 99 -11.88 -7.46 -4.11
CA MET A 99 -11.74 -7.36 -3.94
C MET A 99 -12.78 -8.49 -3.41
C MET A 99 -12.81 -8.35 -3.46
N ASP A 100 -13.34 -8.15 -2.25
CA ASP A 100 -14.33 -9.05 -1.60
C ASP A 100 -15.57 -9.14 -2.48
N ALA A 101 -16.04 -7.99 -2.97
CA ALA A 101 -17.27 -7.94 -3.80
C ALA A 101 -17.05 -8.66 -5.14
N SER A 102 -15.80 -8.78 -5.58
CA SER A 102 -15.40 -9.31 -6.92
C SER A 102 -14.89 -10.76 -6.80
N ALA A 103 -15.07 -11.42 -5.66
CA ALA A 103 -14.39 -12.71 -5.36
C ALA A 103 -14.96 -13.82 -6.24
N LEU A 104 -16.23 -13.76 -6.64
CA LEU A 104 -16.83 -14.90 -7.37
C LEU A 104 -16.22 -14.96 -8.78
N THR A 105 -15.99 -13.80 -9.35
CA THR A 105 -15.65 -13.60 -10.76
C THR A 105 -14.18 -13.28 -10.90
N GLY A 106 -13.63 -12.62 -9.89
CA GLY A 106 -12.36 -11.88 -9.94
C GLY A 106 -12.50 -10.51 -10.59
N ILE A 107 -11.62 -9.59 -10.24
CA ILE A 107 -11.51 -8.30 -10.95
C ILE A 107 -11.03 -8.59 -12.36
N PRO A 108 -11.67 -8.05 -13.41
CA PRO A 108 -11.19 -8.31 -14.76
C PRO A 108 -9.73 -7.87 -14.96
N LEU A 109 -9.00 -8.63 -15.73
CA LEU A 109 -7.56 -8.37 -15.90
C LEU A 109 -7.31 -6.96 -16.43
N PRO A 110 -8.13 -6.40 -17.36
CA PRO A 110 -7.83 -5.05 -17.81
C PRO A 110 -7.92 -4.02 -16.68
N LEU A 111 -8.85 -4.28 -15.77
CA LEU A 111 -9.00 -3.40 -14.62
C LEU A 111 -7.86 -3.59 -13.62
N ILE A 112 -7.46 -4.82 -13.35
CA ILE A 112 -6.25 -5.02 -12.51
C ILE A 112 -5.10 -4.23 -13.11
N LYS A 113 -4.89 -4.35 -14.42
CA LYS A 113 -3.75 -3.66 -15.07
C LYS A 113 -3.88 -2.15 -14.96
N SER A 114 -5.07 -1.63 -15.13
CA SER A 114 -5.34 -0.19 -14.98
C SER A 114 -5.03 0.26 -13.55
N TYR A 115 -5.53 -0.50 -12.59
CA TYR A 115 -5.28 -0.11 -11.19
C TYR A 115 -3.79 -0.15 -10.87
N LEU A 116 -3.10 -1.23 -11.27
CA LEU A 116 -1.66 -1.33 -10.94
C LEU A 116 -0.93 -0.17 -11.62
N PHE A 117 -1.23 0.15 -12.85
CA PHE A 117 -0.61 1.24 -13.58
C PHE A 117 -0.78 2.54 -12.82
N GLN A 118 -2.03 2.83 -12.45
CA GLN A 118 -2.34 4.04 -11.69
C GLN A 118 -1.61 4.11 -10.34
N LEU A 119 -1.64 3.00 -9.63
CA LEU A 119 -0.91 2.98 -8.35
C LEU A 119 0.57 3.25 -8.53
N LEU A 120 1.17 2.70 -9.56
CA LEU A 120 2.58 2.98 -9.86
C LEU A 120 2.79 4.44 -10.20
N GLN A 121 1.84 5.06 -10.87
CA GLN A 121 1.97 6.50 -11.15
C GLN A 121 1.91 7.30 -9.83
N GLY A 122 1.03 6.90 -8.89
CA GLY A 122 0.99 7.60 -7.62
C GLY A 122 2.29 7.42 -6.85
N LEU A 123 2.79 6.19 -6.78
N LEU A 123 2.79 6.20 -6.79
CA LEU A 123 4.06 5.94 -6.06
CA LEU A 123 4.06 5.92 -6.08
C LEU A 123 5.16 6.72 -6.77
C LEU A 123 5.17 6.71 -6.76
N ALA A 124 5.26 6.68 -8.08
CA ALA A 124 6.35 7.40 -8.78
C ALA A 124 6.32 8.88 -8.43
N PHE A 125 5.14 9.45 -8.34
CA PHE A 125 4.98 10.86 -7.93
C PHE A 125 5.47 11.08 -6.50
N CYS A 126 4.99 10.29 -5.59
CA CYS A 126 5.38 10.53 -4.20
C CYS A 126 6.87 10.29 -4.03
N HIS A 127 7.41 9.22 -4.59
CA HIS A 127 8.83 8.90 -4.45
C HIS A 127 9.67 10.00 -5.09
N SER A 128 9.26 10.63 -6.17
CA SER A 128 10.02 11.73 -6.82
C SER A 128 10.07 12.95 -5.89
N HIS A 129 9.10 13.07 -4.98
CA HIS A 129 9.02 14.15 -3.98
C HIS A 129 9.56 13.69 -2.64
N ARG A 130 10.26 12.57 -2.60
CA ARG A 130 10.94 12.05 -1.40
C ARG A 130 9.92 11.78 -0.29
N VAL A 131 8.76 11.29 -0.68
CA VAL A 131 7.71 10.86 0.29
C VAL A 131 7.47 9.37 0.08
N LEU A 132 7.56 8.59 1.14
CA LEU A 132 7.23 7.16 1.14
C LEU A 132 5.87 6.94 1.79
N HIS A 133 5.28 5.79 1.52
CA HIS A 133 4.08 5.37 2.26
C HIS A 133 4.48 4.56 3.50
N ARG A 134 5.11 3.43 3.24
N ARG A 134 5.16 3.46 3.23
CA ARG A 134 5.60 2.46 4.24
CA ARG A 134 5.61 2.46 4.22
C ARG A 134 4.52 1.49 4.76
C ARG A 134 4.54 1.49 4.72
N ASP A 135 3.23 1.78 4.52
CA ASP A 135 2.19 0.88 5.03
C ASP A 135 1.07 0.75 4.01
N LEU A 136 1.40 0.50 2.76
CA LEU A 136 0.38 0.31 1.74
C LEU A 136 -0.36 -0.99 2.01
N LYS A 137 -1.66 -0.95 1.77
CA LYS A 137 -2.51 -2.12 2.00
C LYS A 137 -3.80 -1.86 1.25
N PRO A 138 -4.59 -2.91 0.95
CA PRO A 138 -5.85 -2.66 0.24
C PRO A 138 -6.78 -1.65 0.93
N GLN A 139 -6.75 -1.56 2.25
CA GLN A 139 -7.63 -0.62 2.98
C GLN A 139 -7.21 0.81 2.76
N ASN A 140 -6.01 1.14 2.30
CA ASN A 140 -5.68 2.56 2.02
C ASN A 140 -5.56 2.85 0.53
N LEU A 141 -6.14 1.93 -0.30
CA LEU A 141 -6.28 2.12 -1.76
C LEU A 141 -7.77 2.34 -2.03
N LEU A 142 -8.10 3.49 -2.57
N LEU A 142 -8.10 3.51 -2.52
CA LEU A 142 -9.50 3.87 -2.65
CA LEU A 142 -9.48 3.96 -2.64
C LEU A 142 -9.87 4.07 -4.11
C LEU A 142 -9.86 4.06 -4.12
N ILE A 143 -11.10 3.69 -4.43
CA ILE A 143 -11.60 3.66 -5.82
C ILE A 143 -12.81 4.54 -5.97
N ASN A 144 -12.99 5.04 -7.20
CA ASN A 144 -14.22 5.76 -7.50
C ASN A 144 -14.93 5.15 -8.70
N THR A 145 -16.09 5.68 -9.01
CA THR A 145 -16.96 5.14 -10.11
C THR A 145 -16.35 5.36 -11.50
N GLU A 146 -15.40 6.30 -11.68
CA GLU A 146 -14.85 6.69 -13.00
C GLU A 146 -13.65 5.81 -13.36
N GLY A 147 -13.24 4.86 -12.52
CA GLY A 147 -12.16 3.92 -12.85
C GLY A 147 -10.82 4.37 -12.28
N ALA A 148 -10.80 5.43 -11.47
CA ALA A 148 -9.54 5.82 -10.79
C ALA A 148 -9.36 5.00 -9.53
N ILE A 149 -8.08 4.85 -9.17
CA ILE A 149 -7.66 4.36 -7.84
C ILE A 149 -6.60 5.29 -7.30
N LYS A 150 -6.67 5.54 -6.02
CA LYS A 150 -5.82 6.54 -5.34
C LYS A 150 -5.30 5.96 -4.05
N LEU A 151 -4.05 6.35 -3.69
CA LEU A 151 -3.41 5.94 -2.41
C LEU A 151 -3.66 7.00 -1.35
N ALA A 152 -4.10 6.51 -0.21
CA ALA A 152 -4.24 7.38 0.98
C ALA A 152 -3.13 7.14 1.98
N ASP A 153 -2.81 8.16 2.74
CA ASP A 153 -1.91 8.11 3.92
C ASP A 153 -0.43 8.03 3.54
N PHE A 154 -0.04 8.54 2.37
CA PHE A 154 1.40 8.69 2.08
C PHE A 154 1.97 9.70 3.08
N GLY A 155 3.21 9.45 3.53
CA GLY A 155 3.95 10.37 4.38
C GLY A 155 3.60 10.31 5.84
N LEU A 156 2.52 9.64 6.24
CA LEU A 156 2.13 9.68 7.65
C LEU A 156 3.04 8.84 8.53
N ALA A 157 3.48 7.70 8.03
CA ALA A 157 4.35 6.82 8.85
C ALA A 157 5.63 7.52 9.25
N ARG A 158 6.26 8.27 8.34
CA ARG A 158 7.52 8.91 8.73
C ARG A 158 7.23 10.01 9.74
N ALA A 159 6.12 10.75 9.58
CA ALA A 159 5.84 11.89 10.46
C ALA A 159 5.44 11.38 11.84
N PHE A 160 4.62 10.33 11.94
CA PHE A 160 4.05 9.89 13.23
C PHE A 160 4.95 8.90 13.96
N GLY A 161 5.85 8.19 13.27
CA GLY A 161 6.49 6.96 13.81
C GLY A 161 5.62 5.73 13.60
N GLU A 170 -6.79 -1.97 16.72
CA GLU A 170 -6.78 -3.45 16.83
C GLU A 170 -5.53 -3.99 16.14
N VAL A 171 -5.65 -5.13 15.46
CA VAL A 171 -4.47 -5.97 15.09
C VAL A 171 -3.89 -5.46 13.77
N VAL A 172 -2.59 -5.16 13.80
CA VAL A 172 -1.85 -4.58 12.65
C VAL A 172 -1.75 -5.64 11.55
N THR A 173 -2.03 -5.29 10.31
CA THR A 173 -1.82 -6.25 9.21
C THR A 173 -0.35 -6.23 8.82
N LEU A 174 0.27 -7.40 8.78
CA LEU A 174 1.68 -7.57 8.38
C LEU A 174 1.79 -8.00 6.93
N TRP A 175 0.67 -8.30 6.25
CA TRP A 175 0.70 -9.10 5.04
C TRP A 175 1.46 -8.41 3.93
N TYR A 176 1.64 -7.13 3.93
CA TYR A 176 2.22 -6.34 2.86
C TYR A 176 3.60 -5.79 3.23
N ARG A 177 4.09 -6.15 4.42
CA ARG A 177 5.38 -5.62 4.94
C ARG A 177 6.59 -6.24 4.22
N ALA A 178 7.48 -5.40 3.71
CA ALA A 178 8.69 -5.87 3.06
C ALA A 178 9.59 -6.63 4.00
N PRO A 179 10.39 -7.56 3.44
CA PRO A 179 11.22 -8.43 4.27
C PRO A 179 12.30 -7.67 5.07
N GLU A 180 12.83 -6.60 4.48
CA GLU A 180 13.83 -5.86 5.26
C GLU A 180 13.23 -5.29 6.55
N ILE A 181 11.98 -4.86 6.52
N ILE A 181 11.97 -4.89 6.53
CA ILE A 181 11.27 -4.35 7.71
CA ILE A 181 11.33 -4.35 7.73
C ILE A 181 11.12 -5.50 8.71
C ILE A 181 11.10 -5.50 8.72
N LEU A 182 10.68 -6.65 8.23
CA LEU A 182 10.47 -7.82 9.11
C LEU A 182 11.80 -8.27 9.71
N LEU A 183 12.90 -8.05 9.01
CA LEU A 183 14.25 -8.44 9.49
C LEU A 183 14.85 -7.34 10.36
N GLY A 184 14.08 -6.34 10.69
CA GLY A 184 14.44 -5.35 11.71
C GLY A 184 15.30 -4.23 11.19
N CYS A 185 15.40 -4.01 9.91
CA CYS A 185 16.09 -2.80 9.38
CA CYS A 185 16.09 -2.84 9.36
C CYS A 185 15.28 -1.59 9.79
N LYS A 186 15.93 -0.64 10.42
CA LYS A 186 15.27 0.56 10.95
C LYS A 186 15.48 1.70 9.95
N TYR A 187 15.90 1.37 8.73
N TYR A 187 15.56 1.37 8.69
CA TYR A 187 15.99 2.31 7.59
CA TYR A 187 15.63 2.42 7.65
C TYR A 187 14.87 1.88 6.63
C TYR A 187 15.00 1.92 6.36
N TYR A 188 14.26 2.84 5.97
N TYR A 188 14.13 2.79 5.95
CA TYR A 188 13.26 2.59 4.91
CA TYR A 188 13.19 2.48 4.86
C TYR A 188 13.81 3.12 3.60
C TYR A 188 13.66 3.19 3.62
N SER A 189 13.26 2.59 2.51
CA SER A 189 13.50 3.13 1.15
C SER A 189 12.21 2.96 0.30
N THR A 190 12.27 3.60 -0.83
CA THR A 190 11.16 3.49 -1.79
C THR A 190 10.75 2.04 -2.03
N ALA A 191 11.70 1.12 -1.98
CA ALA A 191 11.45 -0.28 -2.30
C ALA A 191 10.40 -0.89 -1.38
N VAL A 192 10.21 -0.34 -0.17
CA VAL A 192 9.21 -0.99 0.69
C VAL A 192 7.80 -0.85 0.04
N ASP A 193 7.60 0.25 -0.65
CA ASP A 193 6.25 0.44 -1.26
C ASP A 193 6.05 -0.41 -2.49
N ILE A 194 7.14 -0.63 -3.25
CA ILE A 194 7.06 -1.54 -4.41
C ILE A 194 6.74 -2.94 -3.92
N TRP A 195 7.37 -3.40 -2.87
CA TRP A 195 7.04 -4.72 -2.31
C TRP A 195 5.57 -4.81 -2.01
N SER A 196 5.05 -3.85 -1.24
CA SER A 196 3.65 -3.88 -0.83
C SER A 196 2.73 -3.95 -2.07
N LEU A 197 3.03 -3.09 -3.01
CA LEU A 197 2.20 -3.10 -4.20
C LEU A 197 2.29 -4.41 -4.97
N GLY A 198 3.46 -5.05 -5.01
CA GLY A 198 3.55 -6.36 -5.68
C GLY A 198 2.69 -7.38 -4.94
N CYS A 199 2.64 -7.34 -3.66
CA CYS A 199 1.77 -8.26 -2.89
C CYS A 199 0.29 -7.99 -3.24
N ILE A 200 -0.08 -6.74 -3.39
CA ILE A 200 -1.47 -6.36 -3.73
C ILE A 200 -1.79 -6.81 -5.14
N PHE A 201 -0.81 -6.65 -6.04
CA PHE A 201 -0.98 -7.05 -7.45
C PHE A 201 -1.31 -8.54 -7.51
N ALA A 202 -0.54 -9.36 -6.78
CA ALA A 202 -0.75 -10.82 -6.71
C ALA A 202 -2.13 -11.16 -6.14
N GLU A 203 -2.56 -10.43 -5.12
CA GLU A 203 -3.84 -10.68 -4.49
C GLU A 203 -5.03 -10.34 -5.42
N MET A 204 -4.87 -9.25 -6.20
CA MET A 204 -5.95 -8.96 -7.16
C MET A 204 -6.07 -10.10 -8.16
N VAL A 205 -4.96 -10.65 -8.64
CA VAL A 205 -4.97 -11.68 -9.68
C VAL A 205 -5.50 -12.99 -9.10
N THR A 206 -5.04 -13.45 -7.96
CA THR A 206 -5.37 -14.80 -7.45
C THR A 206 -6.62 -14.83 -6.61
N ARG A 207 -7.05 -13.69 -6.09
CA ARG A 207 -8.20 -13.55 -5.19
C ARG A 207 -7.90 -14.14 -3.81
N ARG A 208 -6.62 -14.23 -3.48
CA ARG A 208 -6.07 -14.70 -2.20
CA ARG A 208 -6.17 -14.59 -2.11
C ARG A 208 -4.91 -13.80 -1.80
N ALA A 209 -4.79 -13.41 -0.56
CA ALA A 209 -3.56 -12.75 -0.10
C ALA A 209 -2.33 -13.59 -0.42
N LEU A 210 -1.25 -12.93 -0.81
CA LEU A 210 -0.04 -13.70 -1.19
C LEU A 210 0.67 -14.26 0.07
N PHE A 211 0.82 -13.43 1.09
CA PHE A 211 1.55 -13.78 2.35
C PHE A 211 0.72 -13.38 3.55
N PRO A 212 -0.35 -14.15 3.92
CA PRO A 212 -1.19 -13.72 5.02
C PRO A 212 -0.64 -14.21 6.37
N GLY A 213 0.45 -13.59 6.81
CA GLY A 213 1.04 -13.94 8.11
C GLY A 213 0.22 -13.48 9.29
N ASP A 214 0.23 -14.20 10.40
N ASP A 214 0.34 -14.32 10.31
CA ASP A 214 -0.51 -13.72 11.59
CA ASP A 214 -0.38 -14.28 11.60
C ASP A 214 0.48 -13.22 12.65
C ASP A 214 0.49 -13.60 12.69
N SER A 215 1.79 -13.36 12.42
CA SER A 215 2.83 -12.85 13.34
C SER A 215 4.01 -12.41 12.50
N GLU A 216 5.01 -11.79 13.09
CA GLU A 216 6.16 -11.35 12.27
C GLU A 216 6.92 -12.58 11.76
N ILE A 217 7.06 -13.63 12.57
CA ILE A 217 7.87 -14.77 12.08
C ILE A 217 7.06 -15.57 11.08
N ASP A 218 5.75 -15.68 11.27
CA ASP A 218 4.92 -16.41 10.27
C ASP A 218 4.95 -15.62 8.96
N GLN A 219 4.87 -14.30 9.04
CA GLN A 219 4.96 -13.45 7.84
C GLN A 219 6.26 -13.74 7.10
N LEU A 220 7.36 -13.69 7.81
CA LEU A 220 8.70 -13.89 7.23
C LEU A 220 8.88 -15.24 6.52
N PHE A 221 8.39 -16.26 7.29
CA PHE A 221 8.51 -17.68 6.86
C PHE A 221 7.53 -17.98 5.71
N ARG A 222 6.37 -17.32 5.64
CA ARG A 222 5.50 -17.45 4.44
C ARG A 222 6.26 -16.86 3.25
N ILE A 223 6.91 -15.74 3.38
CA ILE A 223 7.70 -15.19 2.25
C ILE A 223 8.78 -16.21 1.89
N PHE A 224 9.52 -16.73 2.88
CA PHE A 224 10.65 -17.64 2.59
C PHE A 224 10.15 -18.90 1.89
N ARG A 225 9.01 -19.42 2.34
N ARG A 225 9.00 -19.46 2.33
CA ARG A 225 8.54 -20.69 1.75
CA ARG A 225 8.42 -20.69 1.71
C ARG A 225 8.02 -20.51 0.32
C ARG A 225 8.21 -20.47 0.20
N THR A 226 7.77 -19.28 -0.15
CA THR A 226 7.40 -19.01 -1.55
C THR A 226 8.62 -18.60 -2.38
N LEU A 227 9.41 -17.68 -1.85
CA LEU A 227 10.49 -17.05 -2.60
C LEU A 227 11.85 -17.69 -2.28
N GLY A 228 11.87 -18.66 -1.37
CA GLY A 228 13.13 -19.25 -0.93
C GLY A 228 13.71 -18.48 0.23
N THR A 229 14.41 -19.16 1.13
CA THR A 229 15.10 -18.42 2.20
C THR A 229 16.17 -17.56 1.56
N PRO A 230 16.28 -16.28 1.88
CA PRO A 230 17.28 -15.45 1.22
C PRO A 230 18.67 -15.78 1.77
N ASP A 231 19.67 -15.46 1.01
CA ASP A 231 21.07 -15.71 1.35
C ASP A 231 21.88 -14.54 0.81
N GLU A 232 23.21 -14.60 1.08
CA GLU A 232 24.09 -13.52 0.64
C GLU A 232 24.27 -13.45 -0.86
N VAL A 233 23.94 -14.49 -1.62
CA VAL A 233 23.97 -14.49 -3.11
C VAL A 233 22.87 -13.57 -3.61
N VAL A 234 21.65 -13.83 -3.23
CA VAL A 234 20.52 -13.03 -3.77
C VAL A 234 20.33 -11.75 -3.03
N TRP A 235 20.84 -11.63 -1.80
CA TRP A 235 20.63 -10.43 -0.98
C TRP A 235 21.89 -10.14 -0.17
N PRO A 236 22.88 -9.50 -0.82
CA PRO A 236 24.12 -9.23 -0.13
C PRO A 236 23.79 -8.34 1.08
N GLY A 237 24.30 -8.73 2.25
CA GLY A 237 24.07 -8.02 3.49
C GLY A 237 22.99 -8.66 4.36
N VAL A 238 22.17 -9.55 3.80
CA VAL A 238 20.99 -10.03 4.57
C VAL A 238 21.38 -10.66 5.91
N THR A 239 22.51 -11.36 5.94
CA THR A 239 22.83 -12.16 7.15
C THR A 239 23.28 -11.26 8.31
N SER A 240 23.47 -9.98 8.04
CA SER A 240 23.86 -9.00 9.07
C SER A 240 22.67 -8.13 9.47
N MET A 241 21.47 -8.48 8.97
CA MET A 241 20.21 -7.75 9.29
C MET A 241 19.96 -7.87 10.79
N PRO A 242 19.31 -6.91 11.50
CA PRO A 242 19.24 -7.02 12.95
C PRO A 242 18.53 -8.29 13.46
N ASP A 243 17.46 -8.73 12.76
CA ASP A 243 16.68 -9.87 13.30
C ASP A 243 16.91 -11.10 12.44
N TYR A 244 17.96 -11.09 11.62
CA TYR A 244 18.33 -12.31 10.86
C TYR A 244 18.88 -13.34 11.83
N LYS A 245 18.49 -14.58 11.70
CA LYS A 245 19.02 -15.66 12.53
C LYS A 245 19.57 -16.72 11.61
N PRO A 246 20.83 -17.16 11.81
CA PRO A 246 21.39 -18.25 11.02
C PRO A 246 20.59 -19.54 11.10
N SER A 247 19.79 -19.70 12.11
CA SER A 247 18.93 -20.88 12.32
C SER A 247 17.61 -20.82 11.52
N PHE A 248 17.39 -19.80 10.72
CA PHE A 248 16.18 -19.84 9.90
C PHE A 248 16.21 -21.07 9.02
N PRO A 249 15.07 -21.77 8.85
CA PRO A 249 15.05 -22.87 7.89
C PRO A 249 15.34 -22.37 6.49
N LYS A 250 15.92 -23.29 5.72
CA LYS A 250 16.33 -23.01 4.32
C LYS A 250 15.31 -23.66 3.38
N TRP A 251 14.34 -22.89 2.92
CA TRP A 251 13.36 -23.34 1.91
C TRP A 251 13.83 -22.97 0.51
N ALA A 252 13.55 -23.86 -0.44
CA ALA A 252 13.77 -23.61 -1.88
C ALA A 252 12.72 -22.62 -2.38
N ARG A 253 13.05 -21.91 -3.47
CA ARG A 253 12.11 -20.90 -4.04
C ARG A 253 11.19 -21.52 -5.11
N GLN A 254 9.89 -21.24 -5.02
CA GLN A 254 8.83 -21.68 -5.99
C GLN A 254 8.80 -20.81 -7.25
N ASP A 255 8.31 -21.34 -8.34
CA ASP A 255 8.13 -20.57 -9.59
C ASP A 255 6.95 -19.64 -9.41
N PHE A 256 7.03 -18.42 -9.94
CA PHE A 256 5.84 -17.53 -9.94
C PHE A 256 4.73 -18.15 -10.73
N SER A 257 5.00 -19.01 -11.73
CA SER A 257 3.97 -19.69 -12.51
C SER A 257 3.03 -20.44 -11.56
N LYS A 258 3.50 -21.01 -10.45
CA LYS A 258 2.57 -21.73 -9.53
CA LYS A 258 2.70 -21.75 -9.43
C LYS A 258 1.93 -20.76 -8.54
N VAL A 259 2.57 -19.63 -8.29
CA VAL A 259 2.09 -18.66 -7.29
C VAL A 259 0.93 -17.82 -7.81
N VAL A 260 1.05 -17.25 -9.02
CA VAL A 260 0.00 -16.33 -9.51
C VAL A 260 -0.62 -16.75 -10.85
N PRO A 261 -0.93 -18.04 -11.11
CA PRO A 261 -1.70 -18.33 -12.32
C PRO A 261 -3.07 -17.66 -12.21
N PRO A 262 -3.68 -17.18 -13.32
CA PRO A 262 -3.24 -17.34 -14.71
C PRO A 262 -2.54 -16.11 -15.28
N LEU A 263 -1.82 -15.38 -14.43
CA LEU A 263 -1.14 -14.17 -14.88
C LEU A 263 -0.14 -14.56 -15.98
N ASP A 264 -0.05 -13.74 -17.02
CA ASP A 264 0.81 -14.06 -18.17
C ASP A 264 2.28 -13.75 -17.87
N GLU A 265 3.13 -14.20 -18.80
N GLU A 265 3.13 -14.19 -18.81
CA GLU A 265 4.60 -14.03 -18.73
CA GLU A 265 4.60 -14.03 -18.73
C GLU A 265 4.96 -12.59 -18.33
C GLU A 265 4.96 -12.59 -18.33
N ASP A 266 4.35 -11.61 -19.01
CA ASP A 266 4.68 -10.20 -18.72
C ASP A 266 4.33 -9.82 -17.30
N GLY A 267 3.15 -10.20 -16.82
CA GLY A 267 2.78 -9.86 -15.46
C GLY A 267 3.66 -10.58 -14.46
N ARG A 268 4.02 -11.84 -14.73
CA ARG A 268 4.87 -12.61 -13.79
C ARG A 268 6.28 -12.03 -13.74
N SER A 269 6.78 -11.54 -14.88
CA SER A 269 8.13 -10.91 -14.92
C SER A 269 8.09 -9.63 -14.10
N LEU A 270 7.08 -8.79 -14.29
CA LEU A 270 6.98 -7.57 -13.51
C LEU A 270 6.85 -7.89 -12.04
N LEU A 271 5.98 -8.82 -11.66
CA LEU A 271 5.80 -9.14 -10.23
C LEU A 271 7.13 -9.59 -9.66
N SER A 272 7.87 -10.41 -10.36
CA SER A 272 9.19 -10.93 -9.91
CA SER A 272 9.15 -10.92 -9.83
C SER A 272 10.09 -9.74 -9.55
N GLN A 273 10.07 -8.72 -10.39
CA GLN A 273 10.94 -7.56 -10.17
C GLN A 273 10.47 -6.71 -9.01
N MET A 274 9.19 -6.72 -8.68
CA MET A 274 8.65 -5.99 -7.52
C MET A 274 8.91 -6.78 -6.23
N LEU A 275 9.20 -8.05 -6.31
CA LEU A 275 9.35 -8.91 -5.12
C LEU A 275 10.81 -9.43 -4.94
N HIS A 276 11.75 -8.82 -5.60
CA HIS A 276 13.15 -9.17 -5.26
C HIS A 276 13.40 -8.96 -3.78
N TYR A 277 14.19 -9.85 -3.22
CA TYR A 277 14.55 -9.70 -1.80
C TYR A 277 15.32 -8.41 -1.54
N ASP A 278 16.42 -8.20 -2.27
CA ASP A 278 17.27 -7.02 -1.99
C ASP A 278 16.46 -5.80 -2.41
N PRO A 279 16.17 -4.87 -1.48
CA PRO A 279 15.42 -3.69 -1.89
C PRO A 279 16.08 -2.93 -3.03
N ASN A 280 17.40 -3.00 -3.10
CA ASN A 280 18.13 -2.24 -4.12
C ASN A 280 17.88 -2.83 -5.52
N LYS A 281 17.53 -4.11 -5.60
N LYS A 281 17.52 -4.11 -5.60
CA LYS A 281 17.28 -4.79 -6.88
CA LYS A 281 17.26 -4.78 -6.90
C LYS A 281 15.83 -4.63 -7.35
C LYS A 281 15.82 -4.64 -7.35
N ARG A 282 14.92 -4.32 -6.41
CA ARG A 282 13.48 -4.16 -6.74
C ARG A 282 13.28 -3.03 -7.77
N ILE A 283 12.44 -3.27 -8.78
CA ILE A 283 12.14 -2.26 -9.80
C ILE A 283 11.58 -0.98 -9.12
N SER A 284 11.93 0.15 -9.72
CA SER A 284 11.33 1.43 -9.26
C SER A 284 9.94 1.58 -9.84
N ALA A 285 9.14 2.45 -9.26
CA ALA A 285 7.80 2.71 -9.80
C ALA A 285 7.96 3.29 -11.21
N LYS A 286 8.90 4.19 -11.44
CA LYS A 286 9.07 4.79 -12.79
C LYS A 286 9.42 3.71 -13.81
N ALA A 287 10.35 2.82 -13.49
CA ALA A 287 10.74 1.76 -14.43
C ALA A 287 9.60 0.79 -14.64
N ALA A 288 8.82 0.51 -13.62
CA ALA A 288 7.71 -0.42 -13.75
C ALA A 288 6.67 0.12 -14.71
N LEU A 289 6.50 1.41 -14.83
CA LEU A 289 5.51 1.97 -15.77
C LEU A 289 5.87 1.69 -17.21
N ALA A 290 7.15 1.48 -17.49
CA ALA A 290 7.68 1.20 -18.84
C ALA A 290 7.65 -0.30 -19.12
N HIS A 291 7.28 -1.15 -18.19
CA HIS A 291 7.39 -2.61 -18.36
C HIS A 291 6.45 -3.03 -19.49
N PRO A 292 6.82 -4.05 -20.32
CA PRO A 292 5.93 -4.55 -21.34
C PRO A 292 4.55 -4.93 -20.86
N PHE A 293 4.37 -5.32 -19.63
CA PHE A 293 3.00 -5.62 -19.13
C PHE A 293 2.01 -4.49 -19.39
N PHE A 294 2.49 -3.24 -19.47
CA PHE A 294 1.56 -2.12 -19.60
C PHE A 294 1.41 -1.68 -21.05
N GLN A 295 1.90 -2.45 -21.98
CA GLN A 295 1.79 -2.04 -23.42
C GLN A 295 0.35 -1.79 -23.82
N ASP A 296 -0.53 -2.66 -23.37
CA ASP A 296 -1.95 -2.59 -23.76
C ASP A 296 -2.83 -1.98 -22.65
N VAL A 297 -2.28 -1.23 -21.71
CA VAL A 297 -3.08 -0.70 -20.60
C VAL A 297 -4.20 0.21 -21.12
N THR A 298 -5.32 0.14 -20.45
CA THR A 298 -6.53 0.96 -20.68
C THR A 298 -7.07 1.40 -19.34
N LYS A 299 -8.16 2.16 -19.37
CA LYS A 299 -8.81 2.60 -18.12
C LYS A 299 -10.28 2.20 -18.19
N PRO A 300 -10.62 0.96 -17.78
CA PRO A 300 -12.01 0.54 -17.80
C PRO A 300 -12.82 1.15 -16.67
N VAL A 301 -14.14 1.05 -16.83
CA VAL A 301 -15.17 1.40 -15.80
C VAL A 301 -15.35 0.20 -14.87
N PRO A 302 -15.20 0.36 -13.54
CA PRO A 302 -15.47 -0.71 -12.56
C PRO A 302 -16.99 -0.83 -12.37
N HIS A 303 -17.44 -2.01 -11.97
CA HIS A 303 -18.84 -2.13 -11.47
C HIS A 303 -18.85 -2.04 -9.97
N LEU A 304 -19.22 -0.87 -9.47
CA LEU A 304 -19.19 -0.53 -8.04
C LEU A 304 -20.62 -0.54 -7.55
N ARG A 305 -20.87 -1.34 -6.53
CA ARG A 305 -22.16 -1.32 -5.81
C ARG A 305 -21.89 -0.51 -4.56
N LEU A 306 -22.49 0.65 -4.50
CA LEU A 306 -22.33 1.51 -3.31
C LEU A 306 -23.62 1.48 -2.51
S DMS B . -13.90 19.36 14.74
O DMS B . -14.56 20.57 14.05
C1 DMS B . -12.54 19.91 15.72
C2 DMS B . -12.99 18.41 13.53
S DMS C . 16.41 -18.47 -2.52
O DMS C . 15.65 -17.03 -2.57
C1 DMS C . 16.42 -19.12 -4.15
C2 DMS C . 18.12 -18.11 -2.22
C4 HH5 D . -9.03 9.05 2.69
C5 HH5 D . -10.98 8.13 2.44
N1 HH5 D . -13.95 6.35 2.41
N2 HH5 D . -11.98 5.90 3.56
C3 HH5 D . -10.18 7.37 3.32
N3 HH5 D . -8.95 7.99 3.47
C1 HH5 D . -12.67 6.68 2.67
C2 HH5 D . -10.73 6.25 3.86
I1 HH5 D . -9.59 4.98 5.07
N4 HH5 D . -10.22 9.18 2.02
N5 HH5 D . -12.23 7.80 2.04
#